data_1B48
#
_entry.id   1B48
#
_cell.length_a   114.450
_cell.length_b   96.140
_cell.length_c   50.840
_cell.angle_alpha   90.00
_cell.angle_beta   90.00
_cell.angle_gamma   90.00
#
_symmetry.space_group_name_H-M   'P 21 21 2'
#
loop_
_entity.id
_entity.type
_entity.pdbx_description
1 polymer 'PROTEIN (GLUTATHIONE S-TRANSFERASE)'
2 non-polymer 4-S-GLUTATHIONYL-5-PENTYL-TETRAHYDRO-FURAN-2-OL
3 non-polymer GLUTATHIONE
4 water water
#
_entity_poly.entity_id   1
_entity_poly.type   'polypeptide(L)'
_entity_poly.pdbx_seq_one_letter_code
;AAKPKLYYFNGRGRMESIRWLLAAAGVEFEEEFLETREQYEKMQKDGHLLFGQVPLVEIDGMMLTQTRAILSYLAAKYNL
YGKDLKERVRIDMYADGTQDLMMMIAVAPFKTPKEKEESYDLILSRAKTRYFPVFEKILKDHGEAFLVGNQLSWADIQLL
EAILMVEELSAPVLSDFPLLQAFKTRISNIPTIKKFLQPGSQRKPPPDGPYVEVVRIVLKF
;
_entity_poly.pdbx_strand_id   A,B
#
# COMPACT_ATOMS: atom_id res chain seq x y z
N ALA A 1 22.54 -20.18 7.07
CA ALA A 1 22.02 -19.94 5.69
C ALA A 1 20.67 -19.23 5.71
N ALA A 2 20.01 -19.20 4.55
CA ALA A 2 18.69 -18.56 4.38
C ALA A 2 17.75 -18.80 5.56
N LYS A 3 17.77 -17.88 6.52
CA LYS A 3 16.94 -17.98 7.71
C LYS A 3 15.94 -16.81 7.87
N PRO A 4 14.89 -16.75 7.03
CA PRO A 4 13.93 -15.65 7.14
C PRO A 4 13.20 -15.64 8.49
N LYS A 5 13.88 -15.13 9.51
CA LYS A 5 13.33 -15.06 10.87
C LYS A 5 12.49 -13.79 11.02
N LEU A 6 11.30 -13.82 10.45
CA LEU A 6 10.39 -12.69 10.50
C LEU A 6 9.69 -12.55 11.85
N TYR A 7 9.90 -11.43 12.52
CA TYR A 7 9.31 -11.18 13.83
C TYR A 7 7.90 -10.56 13.72
N TYR A 8 6.95 -11.07 14.50
CA TYR A 8 5.57 -10.53 14.51
C TYR A 8 4.78 -11.19 15.64
N PHE A 9 3.46 -11.05 15.62
CA PHE A 9 2.57 -11.63 16.63
C PHE A 9 2.23 -13.09 16.35
N ASN A 10 1.70 -13.77 17.36
CA ASN A 10 1.32 -15.17 17.23
C ASN A 10 0.08 -15.35 16.35
N GLY A 11 -0.50 -14.24 15.89
CA GLY A 11 -1.69 -14.28 15.03
C GLY A 11 -1.40 -14.01 13.56
N ARG A 12 -2.47 -13.91 12.76
CA ARG A 12 -2.35 -13.65 11.32
C ARG A 12 -1.80 -12.26 11.02
N GLY A 13 -2.62 -11.25 11.30
CA GLY A 13 -2.25 -9.86 11.08
C GLY A 13 -1.76 -9.47 9.70
N ARG A 14 -0.67 -8.71 9.70
CA ARG A 14 -0.04 -8.18 8.49
C ARG A 14 0.94 -9.14 7.84
N MET A 15 1.56 -10.00 8.66
CA MET A 15 2.54 -10.97 8.19
C MET A 15 1.94 -12.10 7.36
N GLU A 16 0.73 -12.48 7.73
CA GLU A 16 0.01 -13.56 7.08
C GLU A 16 0.15 -13.61 5.56
N SER A 17 0.17 -12.45 4.91
CA SER A 17 0.27 -12.41 3.46
C SER A 17 1.69 -12.70 3.03
N ILE A 18 2.61 -12.32 3.91
CA ILE A 18 4.04 -12.53 3.71
C ILE A 18 4.31 -14.04 3.77
N ARG A 19 3.80 -14.67 4.84
CA ARG A 19 3.95 -16.10 5.03
C ARG A 19 3.49 -16.84 3.79
N TRP A 20 2.31 -16.51 3.30
CA TRP A 20 1.78 -17.14 2.11
C TRP A 20 2.74 -17.01 0.93
N LEU A 21 3.38 -15.84 0.83
CA LEU A 21 4.29 -15.59 -0.28
C LEU A 21 5.50 -16.48 -0.21
N LEU A 22 6.09 -16.59 0.97
CA LEU A 22 7.26 -17.44 1.18
C LEU A 22 6.87 -18.90 0.95
N ALA A 23 5.66 -19.23 1.41
CA ALA A 23 5.14 -20.58 1.26
C ALA A 23 5.19 -21.02 -0.19
N ALA A 24 4.27 -20.52 -0.99
CA ALA A 24 4.19 -20.87 -2.41
C ALA A 24 5.56 -20.86 -3.08
N ALA A 25 6.37 -19.87 -2.74
CA ALA A 25 7.70 -19.72 -3.32
C ALA A 25 8.54 -20.98 -3.17
N GLY A 26 8.32 -21.68 -2.06
CA GLY A 26 9.04 -22.90 -1.76
C GLY A 26 10.18 -22.57 -0.83
N VAL A 27 9.96 -21.60 0.05
CA VAL A 27 10.98 -21.17 1.00
C VAL A 27 10.57 -21.36 2.45
N GLU A 28 11.32 -22.20 3.15
CA GLU A 28 11.07 -22.50 4.55
C GLU A 28 11.59 -21.30 5.35
N PHE A 29 11.08 -21.13 6.58
CA PHE A 29 11.49 -20.00 7.39
C PHE A 29 11.13 -20.17 8.86
N GLU A 30 11.87 -19.48 9.73
CA GLU A 30 11.62 -19.53 11.17
C GLU A 30 10.73 -18.31 11.44
N GLU A 31 10.57 -17.91 12.70
CA GLU A 31 9.75 -16.75 13.03
C GLU A 31 9.59 -16.47 14.52
N GLU A 32 10.53 -15.74 15.12
CA GLU A 32 10.42 -15.44 16.55
C GLU A 32 9.20 -14.56 16.83
N PHE A 33 8.38 -14.97 17.79
CA PHE A 33 7.16 -14.24 18.13
C PHE A 33 7.23 -13.04 19.04
N LEU A 34 6.14 -12.26 18.99
CA LEU A 34 5.95 -11.03 19.76
C LEU A 34 5.06 -11.27 20.96
N GLU A 35 5.66 -11.41 22.14
CA GLU A 35 4.88 -11.63 23.35
C GLU A 35 4.77 -10.37 24.23
N THR A 36 5.84 -10.04 24.94
CA THR A 36 5.86 -8.89 25.82
C THR A 36 6.24 -7.57 25.12
N ARG A 37 5.73 -6.45 25.65
CA ARG A 37 6.04 -5.15 25.07
C ARG A 37 7.52 -4.86 25.29
N GLU A 38 8.09 -5.51 26.29
CA GLU A 38 9.50 -5.36 26.61
C GLU A 38 10.34 -5.82 25.42
N GLN A 39 9.73 -6.66 24.58
CA GLN A 39 10.41 -7.15 23.38
C GLN A 39 10.35 -6.01 22.38
N TYR A 40 9.15 -5.50 22.14
CA TYR A 40 8.91 -4.41 21.21
C TYR A 40 9.87 -3.26 21.49
N GLU A 41 9.84 -2.76 22.73
CA GLU A 41 10.70 -1.67 23.14
C GLU A 41 12.17 -1.99 22.90
N LYS A 42 12.66 -3.05 23.53
CA LYS A 42 14.06 -3.46 23.40
C LYS A 42 14.54 -3.70 21.95
N MET A 43 13.66 -4.18 21.10
CA MET A 43 13.98 -4.46 19.69
C MET A 43 14.00 -3.18 18.88
N GLN A 44 12.98 -2.35 19.12
CA GLN A 44 12.84 -1.05 18.47
C GLN A 44 14.03 -0.18 18.94
N LYS A 45 14.55 -0.50 20.13
CA LYS A 45 15.68 0.22 20.71
C LYS A 45 16.98 -0.12 19.97
N ASP A 46 17.03 -1.30 19.37
CA ASP A 46 18.24 -1.72 18.64
C ASP A 46 18.20 -1.19 17.21
N GLY A 47 17.15 -0.43 16.89
CA GLY A 47 17.02 0.12 15.56
C GLY A 47 16.82 -0.96 14.51
N HIS A 48 16.04 -1.98 14.86
CA HIS A 48 15.73 -3.05 13.93
C HIS A 48 14.60 -2.52 13.04
N LEU A 49 13.71 -1.76 13.68
CA LEU A 49 12.55 -1.16 13.04
C LEU A 49 12.80 0.28 12.57
N LEU A 50 12.60 0.52 11.26
CA LEU A 50 12.80 1.85 10.68
C LEU A 50 11.97 2.92 11.40
N PHE A 51 10.68 2.96 11.11
CA PHE A 51 9.78 3.92 11.70
C PHE A 51 9.14 3.34 12.97
N GLY A 52 9.76 2.29 13.49
CA GLY A 52 9.27 1.65 14.69
C GLY A 52 7.95 0.92 14.55
N GLN A 53 7.78 0.19 13.46
CA GLN A 53 6.52 -0.53 13.23
C GLN A 53 6.63 -1.87 12.49
N VAL A 54 6.20 -2.94 13.16
CA VAL A 54 6.19 -4.30 12.59
C VAL A 54 5.07 -4.38 11.56
N PRO A 55 5.15 -5.35 10.64
CA PRO A 55 6.10 -6.43 10.35
C PRO A 55 7.59 -6.16 10.25
N LEU A 56 8.36 -7.01 10.92
CA LEU A 56 9.82 -6.98 10.87
C LEU A 56 10.18 -8.32 10.23
N VAL A 57 11.05 -8.29 9.23
CA VAL A 57 11.43 -9.51 8.53
C VAL A 57 12.88 -9.53 8.05
N GLU A 58 13.79 -9.98 8.91
CA GLU A 58 15.20 -10.04 8.52
C GLU A 58 15.45 -11.12 7.48
N ILE A 59 16.04 -10.72 6.36
CA ILE A 59 16.32 -11.63 5.25
C ILE A 59 17.45 -11.06 4.38
N ASP A 60 18.23 -11.96 3.76
CA ASP A 60 19.38 -11.58 2.93
C ASP A 60 20.34 -10.64 3.63
N GLY A 61 20.54 -10.87 4.93
CA GLY A 61 21.42 -10.05 5.74
C GLY A 61 20.81 -8.71 6.11
N MET A 62 19.68 -8.40 5.47
CA MET A 62 18.94 -7.14 5.68
C MET A 62 17.89 -7.24 6.78
N MET A 63 17.19 -6.14 7.00
CA MET A 63 16.14 -6.10 8.01
C MET A 63 15.01 -5.17 7.53
N LEU A 64 14.12 -5.73 6.71
CA LEU A 64 12.99 -4.99 6.13
C LEU A 64 11.88 -4.69 7.14
N THR A 65 11.07 -3.67 6.88
CA THR A 65 10.01 -3.30 7.82
C THR A 65 8.71 -2.70 7.26
N GLN A 66 8.58 -2.60 5.94
CA GLN A 66 7.34 -2.06 5.39
C GLN A 66 6.58 -3.00 4.45
N THR A 67 5.59 -3.67 5.01
CA THR A 67 4.71 -4.62 4.32
C THR A 67 4.68 -4.61 2.80
N ARG A 68 3.82 -3.76 2.22
CA ARG A 68 3.68 -3.65 0.76
C ARG A 68 5.05 -3.80 0.09
N ALA A 69 6.05 -3.15 0.69
CA ALA A 69 7.40 -3.21 0.17
C ALA A 69 7.90 -4.65 0.22
N ILE A 70 7.87 -5.24 1.42
CA ILE A 70 8.31 -6.60 1.65
C ILE A 70 7.71 -7.57 0.64
N LEU A 71 6.41 -7.45 0.39
CA LEU A 71 5.77 -8.33 -0.57
C LEU A 71 6.39 -8.09 -1.94
N SER A 72 6.52 -6.81 -2.30
CA SER A 72 7.06 -6.42 -3.59
C SER A 72 8.47 -6.97 -3.82
N TYR A 73 9.30 -6.90 -2.79
CA TYR A 73 10.67 -7.39 -2.86
C TYR A 73 10.65 -8.88 -3.14
N LEU A 74 10.10 -9.64 -2.19
CA LEU A 74 9.99 -11.09 -2.29
C LEU A 74 9.45 -11.51 -3.64
N ALA A 75 8.21 -11.11 -3.94
CA ALA A 75 7.57 -11.47 -5.20
C ALA A 75 8.49 -11.30 -6.41
N ALA A 76 9.27 -10.24 -6.39
CA ALA A 76 10.21 -9.95 -7.49
C ALA A 76 11.38 -10.94 -7.48
N LYS A 77 11.95 -11.14 -6.30
CA LYS A 77 13.08 -12.05 -6.13
C LYS A 77 12.73 -13.43 -6.67
N TYR A 78 11.73 -14.03 -6.04
CA TYR A 78 11.30 -15.36 -6.40
C TYR A 78 10.51 -15.48 -7.69
N ASN A 79 10.81 -14.60 -8.63
CA ASN A 79 10.16 -14.59 -9.93
C ASN A 79 8.67 -14.91 -9.90
N LEU A 80 7.88 -13.96 -9.40
CA LEU A 80 6.43 -14.08 -9.26
C LEU A 80 5.82 -12.69 -9.47
N TYR A 81 6.37 -11.94 -10.43
CA TYR A 81 5.96 -10.58 -10.74
C TYR A 81 5.96 -10.38 -12.26
N GLY A 82 5.10 -11.09 -12.97
CA GLY A 82 5.03 -10.96 -14.42
C GLY A 82 6.33 -11.12 -15.19
N LYS A 83 6.28 -10.81 -16.49
CA LYS A 83 7.46 -10.90 -17.37
C LYS A 83 8.08 -9.54 -17.66
N ASP A 84 7.28 -8.48 -17.48
CA ASP A 84 7.70 -7.10 -17.70
C ASP A 84 6.99 -6.22 -16.68
N LEU A 85 7.10 -4.91 -16.86
CA LEU A 85 6.46 -3.97 -15.93
C LEU A 85 4.94 -3.85 -16.09
N LYS A 86 4.42 -4.25 -17.25
CA LYS A 86 2.96 -4.18 -17.48
C LYS A 86 2.27 -5.30 -16.69
N GLU A 87 2.88 -6.49 -16.68
CA GLU A 87 2.32 -7.58 -15.94
C GLU A 87 2.49 -7.23 -14.46
N ARG A 88 3.66 -6.71 -14.11
CA ARG A 88 3.95 -6.32 -12.73
C ARG A 88 2.84 -5.43 -12.19
N VAL A 89 2.44 -4.42 -12.96
CA VAL A 89 1.41 -3.49 -12.52
C VAL A 89 0.01 -4.12 -12.47
N ARG A 90 -0.31 -4.91 -13.48
CA ARG A 90 -1.60 -5.58 -13.55
C ARG A 90 -1.80 -6.37 -12.24
N ILE A 91 -0.77 -7.12 -11.90
CA ILE A 91 -0.70 -7.92 -10.69
C ILE A 91 -0.85 -7.03 -9.46
N ASP A 92 -0.18 -5.88 -9.51
CA ASP A 92 -0.19 -4.92 -8.42
C ASP A 92 -1.57 -4.37 -8.11
N MET A 93 -2.37 -4.21 -9.16
CA MET A 93 -3.72 -3.70 -8.97
C MET A 93 -4.52 -4.77 -8.25
N TYR A 94 -4.46 -6.00 -8.78
CA TYR A 94 -5.19 -7.13 -8.22
C TYR A 94 -4.81 -7.34 -6.75
N ALA A 95 -3.52 -7.37 -6.49
CA ALA A 95 -2.99 -7.56 -5.16
C ALA A 95 -3.48 -6.47 -4.21
N ASP A 96 -3.84 -5.32 -4.77
CA ASP A 96 -4.30 -4.19 -3.97
C ASP A 96 -5.71 -4.35 -3.48
N GLY A 97 -6.59 -4.86 -4.35
CA GLY A 97 -7.97 -5.06 -3.95
C GLY A 97 -8.09 -6.17 -2.92
N THR A 98 -7.34 -7.24 -3.18
CA THR A 98 -7.29 -8.39 -2.29
C THR A 98 -6.78 -7.93 -0.93
N GLN A 99 -5.74 -7.09 -0.94
CA GLN A 99 -5.20 -6.57 0.31
C GLN A 99 -6.18 -5.63 0.99
N ASP A 100 -7.03 -5.00 0.18
CA ASP A 100 -8.02 -4.09 0.70
C ASP A 100 -9.04 -4.91 1.45
N LEU A 101 -9.53 -5.94 0.76
CA LEU A 101 -10.54 -6.85 1.33
C LEU A 101 -10.03 -7.47 2.62
N MET A 102 -8.88 -8.12 2.53
CA MET A 102 -8.28 -8.78 3.67
C MET A 102 -8.05 -7.82 4.84
N MET A 103 -8.00 -6.53 4.55
CA MET A 103 -7.77 -5.53 5.58
C MET A 103 -8.91 -5.21 6.54
N MET A 104 -10.13 -5.03 6.03
CA MET A 104 -11.24 -4.73 6.92
C MET A 104 -11.54 -5.95 7.79
N ILE A 105 -11.22 -7.12 7.22
CA ILE A 105 -11.41 -8.38 7.93
C ILE A 105 -10.42 -8.41 9.11
N ALA A 106 -9.14 -8.28 8.78
CA ALA A 106 -8.07 -8.31 9.77
C ALA A 106 -8.19 -7.29 10.92
N VAL A 107 -8.96 -6.23 10.69
CA VAL A 107 -9.14 -5.17 11.70
C VAL A 107 -10.43 -5.35 12.46
N ALA A 108 -11.39 -6.04 11.84
CA ALA A 108 -12.71 -6.28 12.42
C ALA A 108 -12.80 -6.64 13.91
N PRO A 109 -12.01 -7.60 14.39
CA PRO A 109 -12.07 -7.97 15.81
C PRO A 109 -11.86 -6.83 16.81
N PHE A 110 -11.20 -5.77 16.36
CA PHE A 110 -10.89 -4.62 17.22
C PHE A 110 -12.06 -3.69 17.55
N LYS A 111 -12.98 -3.54 16.61
CA LYS A 111 -14.13 -2.67 16.77
C LYS A 111 -15.01 -3.04 17.96
N THR A 112 -16.21 -3.51 17.69
CA THR A 112 -17.18 -3.93 18.72
C THR A 112 -18.26 -4.74 18.02
N PRO A 113 -18.81 -5.77 18.70
CA PRO A 113 -19.86 -6.65 18.19
C PRO A 113 -20.89 -5.95 17.31
N LYS A 114 -21.32 -4.78 17.76
CA LYS A 114 -22.29 -3.96 17.03
C LYS A 114 -21.78 -3.64 15.62
N GLU A 115 -20.56 -3.11 15.53
CA GLU A 115 -19.97 -2.78 14.24
C GLU A 115 -19.76 -4.05 13.43
N LYS A 116 -19.20 -5.06 14.09
CA LYS A 116 -18.91 -6.35 13.49
C LYS A 116 -19.94 -6.89 12.50
N GLU A 117 -21.20 -6.94 12.91
CA GLU A 117 -22.24 -7.45 12.01
C GLU A 117 -22.21 -6.66 10.70
N GLU A 118 -22.47 -5.35 10.79
CA GLU A 118 -22.48 -4.45 9.63
C GLU A 118 -21.25 -4.66 8.75
N SER A 119 -20.07 -4.50 9.37
CA SER A 119 -18.81 -4.65 8.68
C SER A 119 -18.71 -6.01 8.00
N TYR A 120 -19.00 -7.08 8.73
CA TYR A 120 -18.93 -8.43 8.16
C TYR A 120 -19.94 -8.62 7.01
N ASP A 121 -21.10 -7.96 7.12
CA ASP A 121 -22.13 -8.05 6.09
C ASP A 121 -21.58 -7.29 4.89
N LEU A 122 -20.97 -6.15 5.19
CA LEU A 122 -20.39 -5.26 4.20
C LEU A 122 -19.31 -6.03 3.43
N ILE A 123 -18.45 -6.70 4.17
CA ILE A 123 -17.35 -7.47 3.60
C ILE A 123 -17.88 -8.49 2.60
N LEU A 124 -18.92 -9.20 3.02
CA LEU A 124 -19.54 -10.21 2.18
C LEU A 124 -20.15 -9.58 0.95
N SER A 125 -21.02 -8.61 1.16
CA SER A 125 -21.70 -7.92 0.07
C SER A 125 -20.71 -7.25 -0.86
N ARG A 126 -19.58 -6.83 -0.30
CA ARG A 126 -18.53 -6.16 -1.06
C ARG A 126 -17.82 -7.22 -1.87
N ALA A 127 -17.38 -8.28 -1.19
CA ALA A 127 -16.66 -9.36 -1.86
C ALA A 127 -17.48 -10.02 -2.95
N LYS A 128 -18.76 -10.25 -2.68
CA LYS A 128 -19.61 -10.91 -3.66
C LYS A 128 -19.84 -10.13 -4.94
N THR A 129 -20.00 -8.82 -4.83
CA THR A 129 -20.23 -7.98 -6.00
C THR A 129 -18.97 -7.24 -6.46
N ARG A 130 -18.32 -6.56 -5.50
CA ARG A 130 -17.12 -5.77 -5.74
C ARG A 130 -15.91 -6.43 -6.41
N TYR A 131 -15.48 -7.56 -5.87
CA TYR A 131 -14.28 -8.26 -6.37
C TYR A 131 -14.43 -9.57 -7.15
N PHE A 132 -15.15 -10.53 -6.56
CA PHE A 132 -15.33 -11.85 -7.18
C PHE A 132 -15.83 -11.84 -8.62
N PRO A 133 -16.91 -11.09 -8.90
CA PRO A 133 -17.47 -11.03 -10.25
C PRO A 133 -16.42 -10.52 -11.24
N VAL A 134 -15.55 -9.65 -10.75
CA VAL A 134 -14.47 -9.06 -11.53
C VAL A 134 -13.43 -10.12 -11.89
N PHE A 135 -12.90 -10.79 -10.88
CA PHE A 135 -11.90 -11.84 -11.08
C PHE A 135 -12.43 -12.93 -12.01
N GLU A 136 -13.63 -13.41 -11.70
CA GLU A 136 -14.27 -14.45 -12.49
C GLU A 136 -14.21 -14.09 -13.98
N LYS A 137 -14.77 -12.94 -14.31
CA LYS A 137 -14.80 -12.41 -15.67
C LYS A 137 -13.42 -12.45 -16.33
N ILE A 138 -12.39 -12.09 -15.57
CA ILE A 138 -11.03 -12.08 -16.09
C ILE A 138 -10.61 -13.49 -16.50
N LEU A 139 -10.70 -14.43 -15.54
CA LEU A 139 -10.33 -15.82 -15.78
C LEU A 139 -10.97 -16.39 -17.04
N LYS A 140 -12.22 -16.01 -17.27
CA LYS A 140 -12.97 -16.47 -18.44
C LYS A 140 -12.39 -15.90 -19.74
N ASP A 141 -12.18 -14.58 -19.74
CA ASP A 141 -11.64 -13.87 -20.90
C ASP A 141 -10.35 -14.48 -21.46
N HIS A 142 -9.26 -14.41 -20.70
CA HIS A 142 -7.99 -14.97 -21.15
C HIS A 142 -7.91 -16.48 -20.91
N GLY A 143 -9.06 -17.06 -20.55
CA GLY A 143 -9.23 -18.48 -20.29
C GLY A 143 -7.98 -19.33 -20.16
N GLU A 144 -7.43 -19.39 -18.94
CA GLU A 144 -6.23 -20.17 -18.68
C GLU A 144 -6.01 -20.41 -17.20
N ALA A 145 -5.01 -21.25 -16.91
CA ALA A 145 -4.66 -21.64 -15.56
C ALA A 145 -4.59 -20.49 -14.58
N PHE A 146 -3.63 -19.61 -14.79
CA PHE A 146 -3.45 -18.48 -13.88
C PHE A 146 -4.05 -17.14 -14.32
N LEU A 147 -4.39 -16.35 -13.30
CA LEU A 147 -4.97 -15.03 -13.46
C LEU A 147 -4.18 -14.12 -14.40
N VAL A 148 -2.85 -14.22 -14.31
CA VAL A 148 -1.96 -13.44 -15.16
C VAL A 148 -1.71 -14.11 -16.50
N GLY A 149 -0.47 -14.06 -16.97
CA GLY A 149 -0.13 -14.66 -18.26
C GLY A 149 0.47 -16.05 -18.20
N ASN A 150 -0.22 -16.97 -17.52
CA ASN A 150 0.20 -18.37 -17.37
C ASN A 150 1.48 -18.62 -16.58
N GLN A 151 1.40 -18.40 -15.27
CA GLN A 151 2.52 -18.62 -14.37
C GLN A 151 2.11 -18.18 -12.99
N LEU A 152 2.57 -18.90 -11.99
CA LEU A 152 2.25 -18.56 -10.62
C LEU A 152 2.70 -17.12 -10.44
N SER A 153 1.84 -16.29 -9.86
CA SER A 153 2.16 -14.89 -9.64
C SER A 153 1.58 -14.45 -8.32
N TRP A 154 2.18 -13.41 -7.74
CA TRP A 154 1.75 -12.86 -6.48
C TRP A 154 0.23 -12.69 -6.40
N ALA A 155 -0.39 -12.41 -7.54
CA ALA A 155 -1.84 -12.22 -7.64
C ALA A 155 -2.59 -13.47 -7.20
N ASP A 156 -2.28 -14.58 -7.86
CA ASP A 156 -2.89 -15.88 -7.59
C ASP A 156 -2.84 -16.15 -6.09
N ILE A 157 -1.63 -16.19 -5.54
CA ILE A 157 -1.44 -16.42 -4.11
C ILE A 157 -2.22 -15.42 -3.26
N GLN A 158 -2.37 -14.19 -3.76
CA GLN A 158 -3.09 -13.17 -3.03
C GLN A 158 -4.57 -13.44 -3.05
N LEU A 159 -5.04 -13.98 -4.18
CA LEU A 159 -6.45 -14.30 -4.36
C LEU A 159 -6.86 -15.47 -3.48
N LEU A 160 -6.13 -16.58 -3.58
CA LEU A 160 -6.41 -17.76 -2.79
C LEU A 160 -6.52 -17.40 -1.32
N GLU A 161 -5.48 -16.79 -0.76
CA GLU A 161 -5.53 -16.43 0.64
C GLU A 161 -6.78 -15.63 0.93
N ALA A 162 -7.14 -14.77 -0.01
CA ALA A 162 -8.32 -13.93 0.14
C ALA A 162 -9.58 -14.76 0.20
N ILE A 163 -9.75 -15.63 -0.80
CA ILE A 163 -10.91 -16.50 -0.90
C ILE A 163 -11.16 -17.21 0.42
N LEU A 164 -10.21 -18.03 0.82
CA LEU A 164 -10.32 -18.78 2.06
C LEU A 164 -10.50 -17.83 3.23
N MET A 165 -9.90 -16.65 3.14
CA MET A 165 -10.03 -15.66 4.22
C MET A 165 -11.50 -15.34 4.46
N VAL A 166 -12.28 -15.34 3.38
CA VAL A 166 -13.70 -15.02 3.48
C VAL A 166 -14.59 -16.25 3.72
N GLU A 167 -14.22 -17.39 3.16
CA GLU A 167 -14.99 -18.62 3.34
C GLU A 167 -15.12 -18.98 4.82
N GLU A 168 -14.23 -18.43 5.65
CA GLU A 168 -14.26 -18.63 7.10
C GLU A 168 -15.35 -17.78 7.75
N LEU A 169 -16.34 -17.39 6.95
CA LEU A 169 -17.46 -16.57 7.41
C LEU A 169 -18.75 -17.02 6.70
N SER A 170 -18.62 -17.26 5.40
CA SER A 170 -19.72 -17.71 4.56
C SER A 170 -19.21 -18.85 3.69
N ALA A 171 -19.22 -20.06 4.23
CA ALA A 171 -18.76 -21.24 3.52
C ALA A 171 -19.36 -21.39 2.12
N PRO A 172 -20.66 -21.13 1.95
CA PRO A 172 -21.34 -21.25 0.66
C PRO A 172 -21.08 -20.17 -0.40
N VAL A 173 -20.40 -19.10 -0.01
CA VAL A 173 -20.16 -17.98 -0.92
C VAL A 173 -19.64 -18.26 -2.34
N LEU A 174 -18.57 -19.02 -2.48
CA LEU A 174 -18.00 -19.29 -3.79
C LEU A 174 -18.90 -20.09 -4.75
N SER A 175 -20.08 -20.47 -4.27
CA SER A 175 -21.02 -21.24 -5.07
C SER A 175 -21.43 -20.57 -6.39
N ASP A 176 -21.89 -19.32 -6.30
CA ASP A 176 -22.33 -18.54 -7.46
C ASP A 176 -21.18 -18.32 -8.45
N PHE A 177 -19.96 -18.59 -8.00
CA PHE A 177 -18.76 -18.37 -8.80
C PHE A 177 -18.02 -19.64 -9.23
N PRO A 178 -18.31 -20.13 -10.44
CA PRO A 178 -17.70 -21.34 -11.03
C PRO A 178 -16.18 -21.25 -11.18
N LEU A 179 -15.72 -20.35 -12.05
CA LEU A 179 -14.30 -20.16 -12.31
C LEU A 179 -13.48 -19.98 -11.05
N LEU A 180 -14.10 -19.43 -10.02
CA LEU A 180 -13.41 -19.20 -8.75
C LEU A 180 -13.23 -20.48 -7.94
N GLN A 181 -14.21 -21.38 -8.04
CA GLN A 181 -14.14 -22.66 -7.34
C GLN A 181 -13.06 -23.49 -8.02
N ALA A 182 -13.04 -23.43 -9.36
CA ALA A 182 -12.05 -24.17 -10.16
C ALA A 182 -10.64 -23.66 -9.89
N PHE A 183 -10.49 -22.34 -9.88
CA PHE A 183 -9.21 -21.69 -9.63
C PHE A 183 -8.76 -22.09 -8.21
N LYS A 184 -9.70 -22.02 -7.27
CA LYS A 184 -9.47 -22.38 -5.86
C LYS A 184 -8.78 -23.73 -5.75
N THR A 185 -9.39 -24.74 -6.36
CA THR A 185 -8.87 -26.11 -6.34
C THR A 185 -7.44 -26.24 -6.88
N ARG A 186 -7.28 -26.02 -8.18
CA ARG A 186 -5.99 -26.12 -8.87
C ARG A 186 -4.88 -25.37 -8.15
N ILE A 187 -5.22 -24.23 -7.56
CA ILE A 187 -4.24 -23.43 -6.84
C ILE A 187 -3.93 -24.08 -5.50
N SER A 188 -4.93 -24.66 -4.83
CA SER A 188 -4.70 -25.34 -3.57
C SER A 188 -3.86 -26.59 -3.91
N ASN A 189 -4.02 -27.05 -5.14
CA ASN A 189 -3.31 -28.22 -5.65
C ASN A 189 -1.87 -27.97 -6.06
N ILE A 190 -1.36 -26.79 -5.71
CA ILE A 190 0.03 -26.45 -6.01
C ILE A 190 0.86 -27.16 -4.95
N PRO A 191 1.87 -27.93 -5.39
CA PRO A 191 2.76 -28.69 -4.50
C PRO A 191 3.13 -27.94 -3.21
N THR A 192 3.64 -26.73 -3.38
CA THR A 192 4.07 -25.93 -2.25
C THR A 192 2.92 -25.37 -1.45
N ILE A 193 1.81 -25.11 -2.12
CA ILE A 193 0.62 -24.58 -1.47
C ILE A 193 -0.03 -25.63 -0.58
N LYS A 194 -0.28 -26.80 -1.16
CA LYS A 194 -0.89 -27.93 -0.47
C LYS A 194 -0.16 -28.19 0.83
N LYS A 195 1.18 -28.12 0.76
CA LYS A 195 2.02 -28.33 1.91
C LYS A 195 1.87 -27.19 2.92
N PHE A 196 1.59 -25.98 2.43
CA PHE A 196 1.39 -24.86 3.33
C PHE A 196 -0.01 -24.96 3.95
N LEU A 197 -0.96 -25.54 3.21
CA LEU A 197 -2.33 -25.70 3.72
C LEU A 197 -2.50 -26.91 4.66
N GLN A 198 -1.48 -27.78 4.71
CA GLN A 198 -1.49 -28.96 5.57
C GLN A 198 -1.75 -28.58 7.03
N PRO A 199 -2.32 -29.50 7.83
CA PRO A 199 -2.62 -29.25 9.24
C PRO A 199 -1.40 -29.01 10.12
N GLY A 200 -0.21 -29.19 9.55
CA GLY A 200 1.02 -28.99 10.30
C GLY A 200 1.78 -27.70 10.06
N SER A 201 1.42 -26.96 9.00
CA SER A 201 2.07 -25.70 8.61
C SER A 201 2.04 -24.54 9.60
N GLN A 202 2.93 -23.57 9.35
CA GLN A 202 3.09 -22.36 10.16
C GLN A 202 1.93 -21.38 9.99
N ARG A 203 1.09 -21.63 8.98
CA ARG A 203 -0.09 -20.81 8.70
C ARG A 203 -0.84 -20.56 10.01
N LYS A 204 -1.11 -19.30 10.29
CA LYS A 204 -1.78 -18.93 11.52
C LYS A 204 -3.30 -18.99 11.49
N PRO A 205 -3.92 -19.08 12.68
CA PRO A 205 -5.37 -19.14 12.81
C PRO A 205 -5.97 -17.75 12.79
N PRO A 206 -7.21 -17.61 12.31
CA PRO A 206 -7.83 -16.30 12.27
C PRO A 206 -7.78 -15.66 13.67
N PRO A 207 -7.91 -14.32 13.75
CA PRO A 207 -7.88 -13.58 15.01
C PRO A 207 -8.68 -14.23 16.14
N ASP A 208 -8.37 -13.88 17.38
CA ASP A 208 -9.06 -14.45 18.53
C ASP A 208 -9.01 -13.58 19.78
N GLY A 209 -9.63 -14.09 20.85
CA GLY A 209 -9.69 -13.37 22.11
C GLY A 209 -8.36 -12.84 22.60
N PRO A 210 -7.40 -13.73 22.92
CA PRO A 210 -6.11 -13.25 23.40
C PRO A 210 -5.35 -12.47 22.31
N TYR A 211 -5.59 -12.82 21.04
CA TYR A 211 -4.90 -12.12 19.97
C TYR A 211 -5.37 -10.68 19.83
N VAL A 212 -6.65 -10.44 20.10
CA VAL A 212 -7.19 -9.10 20.00
C VAL A 212 -6.75 -8.27 21.22
N GLU A 213 -6.54 -8.95 22.35
CA GLU A 213 -6.13 -8.26 23.56
C GLU A 213 -4.61 -8.05 23.72
N VAL A 214 -3.80 -8.85 23.03
CA VAL A 214 -2.33 -8.72 23.12
C VAL A 214 -1.82 -7.41 22.55
N VAL A 215 -2.20 -7.12 21.31
CA VAL A 215 -1.79 -5.89 20.63
C VAL A 215 -2.17 -4.66 21.48
N ARG A 216 -3.38 -4.69 22.04
CA ARG A 216 -3.86 -3.59 22.87
C ARG A 216 -2.99 -3.45 24.13
N ILE A 217 -2.08 -4.40 24.32
CA ILE A 217 -1.16 -4.38 25.45
C ILE A 217 0.27 -4.14 24.94
N VAL A 218 0.83 -5.11 24.23
CA VAL A 218 2.19 -4.97 23.68
C VAL A 218 2.35 -3.64 22.92
N LEU A 219 1.43 -3.35 22.00
CA LEU A 219 1.45 -2.10 21.25
C LEU A 219 0.58 -1.04 21.92
N LYS A 220 0.21 -1.32 23.18
CA LYS A 220 -0.60 -0.43 24.01
C LYS A 220 -1.71 0.35 23.28
N PHE A 221 -2.57 -0.38 22.57
CA PHE A 221 -3.70 0.19 21.83
C PHE A 221 -4.84 0.67 22.72
N ALA B 1 2.44 8.23 -29.56
CA ALA B 1 2.71 8.61 -28.14
C ALA B 1 1.43 8.73 -27.29
N ALA B 2 1.60 8.72 -25.97
CA ALA B 2 0.46 8.79 -25.05
C ALA B 2 0.33 10.14 -24.35
N LYS B 3 -0.91 10.52 -24.09
CA LYS B 3 -1.20 11.78 -23.40
C LYS B 3 -1.86 11.48 -22.05
N PRO B 4 -1.03 11.23 -21.03
CA PRO B 4 -1.45 10.90 -19.66
C PRO B 4 -2.60 11.72 -19.08
N LYS B 5 -3.81 11.15 -19.08
CA LYS B 5 -4.98 11.81 -18.51
C LYS B 5 -5.35 11.17 -17.18
N LEU B 6 -5.60 12.00 -16.16
CA LEU B 6 -5.94 11.45 -14.86
C LEU B 6 -7.24 11.98 -14.24
N TYR B 7 -8.12 11.04 -13.89
CA TYR B 7 -9.42 11.35 -13.29
C TYR B 7 -9.32 11.26 -11.78
N TYR B 8 -10.01 12.16 -11.09
CA TYR B 8 -10.01 12.21 -9.62
C TYR B 8 -10.62 13.55 -9.23
N PHE B 9 -10.86 13.75 -7.94
CA PHE B 9 -11.43 15.00 -7.44
C PHE B 9 -10.49 16.19 -7.66
N ASN B 10 -10.98 17.38 -7.33
CA ASN B 10 -10.18 18.58 -7.46
C ASN B 10 -9.56 18.85 -6.09
N GLY B 11 -8.46 18.14 -5.80
CA GLY B 11 -7.78 18.30 -4.53
C GLY B 11 -6.62 17.34 -4.35
N ARG B 12 -6.06 17.33 -3.15
CA ARG B 12 -4.92 16.46 -2.84
C ARG B 12 -5.27 14.99 -3.14
N GLY B 13 -5.78 14.30 -2.11
CA GLY B 13 -6.19 12.92 -2.25
C GLY B 13 -5.16 11.96 -2.80
N ARG B 14 -5.64 10.78 -3.17
CA ARG B 14 -4.76 9.74 -3.70
C ARG B 14 -4.26 10.02 -5.11
N MET B 15 -4.56 11.21 -5.62
CA MET B 15 -4.10 11.56 -6.97
C MET B 15 -2.91 12.49 -6.92
N GLU B 16 -2.74 13.19 -5.80
CA GLU B 16 -1.66 14.14 -5.63
C GLU B 16 -0.27 13.58 -5.88
N SER B 17 0.13 12.58 -5.08
CA SER B 17 1.44 11.95 -5.22
C SER B 17 1.69 11.47 -6.65
N ILE B 18 0.61 11.19 -7.38
CA ILE B 18 0.73 10.75 -8.76
C ILE B 18 1.09 11.93 -9.65
N ARG B 19 0.50 13.10 -9.36
CA ARG B 19 0.77 14.31 -10.11
C ARG B 19 2.26 14.62 -9.97
N TRP B 20 2.70 14.78 -8.73
CA TRP B 20 4.10 15.06 -8.46
C TRP B 20 5.03 14.20 -9.29
N LEU B 21 5.01 12.89 -9.07
CA LEU B 21 5.88 11.99 -9.79
C LEU B 21 5.90 12.22 -11.30
N LEU B 22 4.76 12.53 -11.88
CA LEU B 22 4.67 12.78 -13.30
C LEU B 22 5.44 14.06 -13.66
N ALA B 23 5.19 15.11 -12.88
CA ALA B 23 5.84 16.40 -13.08
C ALA B 23 7.36 16.22 -13.08
N ALA B 24 7.87 15.67 -11.99
CA ALA B 24 9.29 15.43 -11.84
C ALA B 24 9.84 14.57 -12.97
N ALA B 25 8.97 13.73 -13.53
CA ALA B 25 9.34 12.85 -14.63
C ALA B 25 9.49 13.69 -15.89
N GLY B 26 9.23 14.98 -15.76
CA GLY B 26 9.32 15.88 -16.88
C GLY B 26 8.27 15.49 -17.90
N VAL B 27 7.06 15.24 -17.43
CA VAL B 27 5.98 14.87 -18.33
C VAL B 27 4.76 15.77 -18.24
N GLU B 28 4.27 16.16 -19.41
CA GLU B 28 3.08 17.01 -19.51
C GLU B 28 1.87 16.10 -19.54
N PHE B 29 0.92 16.37 -18.65
CA PHE B 29 -0.28 15.56 -18.59
C PHE B 29 -1.52 16.42 -18.50
N GLU B 30 -2.56 15.98 -19.21
CA GLU B 30 -3.84 16.66 -19.20
C GLU B 30 -4.72 15.91 -18.23
N GLU B 31 -5.91 16.42 -17.98
CA GLU B 31 -6.77 15.71 -17.08
C GLU B 31 -8.23 16.11 -17.06
N GLU B 32 -9.07 15.09 -16.88
CA GLU B 32 -10.51 15.25 -16.77
C GLU B 32 -10.76 15.70 -15.32
N PHE B 33 -11.95 15.43 -14.80
CA PHE B 33 -12.28 15.80 -13.44
C PHE B 33 -13.52 15.06 -12.96
N LEU B 34 -13.82 15.22 -11.68
CA LEU B 34 -14.97 14.59 -11.08
C LEU B 34 -15.71 15.55 -10.16
N GLU B 35 -16.99 15.78 -10.46
CA GLU B 35 -17.84 16.69 -9.69
C GLU B 35 -19.14 16.07 -9.21
N THR B 36 -19.92 15.50 -10.13
CA THR B 36 -21.20 14.92 -9.76
C THR B 36 -21.21 13.43 -9.45
N ARG B 37 -22.06 13.09 -8.49
CA ARG B 37 -22.28 11.71 -8.01
C ARG B 37 -22.66 10.79 -9.18
N GLU B 38 -23.21 11.40 -10.22
CA GLU B 38 -23.63 10.70 -11.43
C GLU B 38 -22.45 10.50 -12.37
N GLN B 39 -21.49 11.43 -12.32
CA GLN B 39 -20.28 11.36 -13.14
C GLN B 39 -19.56 10.05 -12.84
N TYR B 40 -19.51 9.75 -11.54
CA TYR B 40 -18.91 8.52 -11.02
C TYR B 40 -19.61 7.36 -11.74
N GLU B 41 -20.91 7.28 -11.49
CA GLU B 41 -21.77 6.24 -12.04
C GLU B 41 -21.59 5.93 -13.53
N LYS B 42 -21.37 6.96 -14.33
CA LYS B 42 -21.20 6.78 -15.76
C LYS B 42 -19.97 5.93 -16.04
N MET B 43 -18.79 6.51 -15.80
CA MET B 43 -17.51 5.83 -16.02
C MET B 43 -17.42 4.52 -15.22
N GLN B 44 -18.20 4.44 -14.15
CA GLN B 44 -18.28 3.27 -13.31
C GLN B 44 -18.83 2.17 -14.20
N LYS B 45 -20.10 2.33 -14.55
CA LYS B 45 -20.82 1.41 -15.41
C LYS B 45 -20.19 1.34 -16.81
N ASP B 46 -19.25 2.23 -17.09
CA ASP B 46 -18.58 2.22 -18.39
C ASP B 46 -17.65 1.01 -18.46
N GLY B 47 -17.21 0.58 -17.28
CA GLY B 47 -16.32 -0.57 -17.20
C GLY B 47 -14.87 -0.16 -17.29
N HIS B 48 -14.38 0.50 -16.24
CA HIS B 48 -12.99 0.97 -16.17
C HIS B 48 -12.40 0.68 -14.78
N LEU B 49 -13.05 1.24 -13.76
CA LEU B 49 -12.63 1.08 -12.36
C LEU B 49 -12.80 -0.39 -11.99
N LEU B 50 -11.71 -1.14 -12.12
CA LEU B 50 -11.72 -2.57 -11.82
C LEU B 50 -12.48 -2.90 -10.58
N PHE B 51 -12.08 -2.31 -9.47
CA PHE B 51 -12.75 -2.57 -8.21
C PHE B 51 -13.71 -1.44 -7.90
N GLY B 52 -14.03 -0.68 -8.94
CA GLY B 52 -14.95 0.43 -8.81
C GLY B 52 -14.44 1.60 -7.99
N GLN B 53 -13.16 1.93 -8.12
CA GLN B 53 -12.61 3.04 -7.33
C GLN B 53 -11.46 3.79 -7.99
N VAL B 54 -11.39 5.09 -7.67
CA VAL B 54 -10.35 6.01 -8.19
C VAL B 54 -9.28 6.30 -7.13
N PRO B 55 -8.15 6.91 -7.55
CA PRO B 55 -7.72 7.38 -8.87
C PRO B 55 -7.73 6.42 -10.07
N LEU B 56 -7.65 7.01 -11.25
CA LEU B 56 -7.61 6.30 -12.52
C LEU B 56 -6.68 7.10 -13.43
N VAL B 57 -5.90 6.42 -14.25
CA VAL B 57 -4.95 7.09 -15.11
C VAL B 57 -4.86 6.48 -16.51
N GLU B 58 -5.54 7.09 -17.46
CA GLU B 58 -5.53 6.61 -18.83
C GLU B 58 -4.12 6.86 -19.39
N ILE B 59 -3.34 5.80 -19.56
CA ILE B 59 -1.97 5.93 -20.06
C ILE B 59 -1.45 4.65 -20.72
N ASP B 60 -0.69 4.79 -21.80
CA ASP B 60 -0.15 3.65 -22.56
C ASP B 60 -1.28 2.78 -23.13
N GLY B 61 -2.49 3.34 -23.14
CA GLY B 61 -3.65 2.60 -23.62
C GLY B 61 -4.36 1.90 -22.47
N MET B 62 -3.60 1.65 -21.40
CA MET B 62 -4.11 0.98 -20.21
C MET B 62 -4.89 1.94 -19.29
N MET B 63 -5.69 1.39 -18.39
CA MET B 63 -6.46 2.19 -17.45
C MET B 63 -6.16 1.69 -16.04
N LEU B 64 -5.13 2.26 -15.44
CA LEU B 64 -4.71 1.89 -14.10
C LEU B 64 -5.78 2.35 -13.12
N THR B 65 -6.06 1.55 -12.11
CA THR B 65 -7.10 1.92 -11.16
C THR B 65 -6.71 1.92 -9.68
N GLN B 66 -5.58 1.32 -9.33
CA GLN B 66 -5.19 1.27 -7.93
C GLN B 66 -3.92 2.04 -7.59
N THR B 67 -4.07 3.05 -6.73
CA THR B 67 -2.99 3.93 -6.27
C THR B 67 -1.54 3.44 -6.38
N ARG B 68 -1.09 2.66 -5.39
CA ARG B 68 0.28 2.16 -5.36
C ARG B 68 0.60 1.31 -6.57
N ALA B 69 -0.42 0.71 -7.14
CA ALA B 69 -0.22 -0.10 -8.33
C ALA B 69 0.28 0.85 -9.42
N ILE B 70 -0.31 2.05 -9.43
CA ILE B 70 -0.01 3.11 -10.40
C ILE B 70 1.39 3.69 -10.19
N LEU B 71 1.64 4.19 -8.97
CA LEU B 71 2.92 4.78 -8.62
C LEU B 71 4.06 3.88 -9.05
N SER B 72 4.03 2.63 -8.61
CA SER B 72 5.08 1.67 -8.96
C SER B 72 5.28 1.53 -10.45
N TYR B 73 4.21 1.48 -11.21
CA TYR B 73 4.32 1.37 -12.67
C TYR B 73 5.12 2.57 -13.15
N LEU B 74 4.64 3.74 -12.75
CA LEU B 74 5.27 5.00 -13.10
C LEU B 74 6.74 5.02 -12.75
N ALA B 75 7.03 5.20 -11.47
CA ALA B 75 8.40 5.25 -10.96
C ALA B 75 9.38 4.33 -11.70
N ALA B 76 8.98 3.08 -11.91
CA ALA B 76 9.84 2.13 -12.60
C ALA B 76 10.08 2.54 -14.06
N LYS B 77 9.00 2.85 -14.77
CA LYS B 77 9.05 3.26 -16.17
C LYS B 77 10.05 4.40 -16.33
N TYR B 78 9.93 5.40 -15.45
CA TYR B 78 10.80 6.56 -15.47
C TYR B 78 11.94 6.43 -14.46
N ASN B 79 12.71 5.37 -14.63
CA ASN B 79 13.89 5.02 -13.82
C ASN B 79 14.10 5.63 -12.44
N LEU B 80 13.03 5.89 -11.71
CA LEU B 80 13.16 6.45 -10.38
C LEU B 80 12.84 5.40 -9.34
N TYR B 81 12.98 4.13 -9.73
CA TYR B 81 12.69 2.99 -8.85
C TYR B 81 13.99 2.21 -8.64
N GLY B 82 15.07 2.93 -8.40
CA GLY B 82 16.35 2.28 -8.20
C GLY B 82 16.72 1.49 -9.44
N LYS B 83 17.67 0.57 -9.27
CA LYS B 83 18.14 -0.29 -10.36
C LYS B 83 17.98 -1.75 -9.94
N ASP B 84 18.72 -2.14 -8.91
CA ASP B 84 18.71 -3.49 -8.37
C ASP B 84 17.72 -3.62 -7.21
N LEU B 85 17.25 -4.85 -7.00
CA LEU B 85 16.29 -5.18 -5.95
C LEU B 85 16.69 -4.66 -4.58
N LYS B 86 17.99 -4.65 -4.30
CA LYS B 86 18.49 -4.19 -3.01
C LYS B 86 18.09 -2.77 -2.67
N GLU B 87 18.13 -1.88 -3.67
CA GLU B 87 17.79 -0.47 -3.50
C GLU B 87 16.30 -0.16 -3.64
N ARG B 88 15.66 -0.78 -4.63
CA ARG B 88 14.23 -0.61 -4.88
C ARG B 88 13.41 -0.81 -3.59
N VAL B 89 13.89 -1.69 -2.71
CA VAL B 89 13.24 -1.98 -1.44
C VAL B 89 13.40 -0.83 -0.46
N ARG B 90 14.53 -0.14 -0.54
CA ARG B 90 14.81 0.99 0.35
C ARG B 90 13.85 2.10 -0.01
N ILE B 91 13.65 2.29 -1.30
CA ILE B 91 12.73 3.28 -1.82
C ILE B 91 11.37 2.99 -1.19
N ASP B 92 10.80 1.84 -1.54
CA ASP B 92 9.51 1.40 -1.03
C ASP B 92 9.40 1.51 0.48
N MET B 93 10.43 1.07 1.18
CA MET B 93 10.40 1.13 2.63
C MET B 93 10.24 2.57 3.08
N TYR B 94 10.82 3.48 2.30
CA TYR B 94 10.73 4.91 2.57
C TYR B 94 9.34 5.43 2.18
N ALA B 95 8.97 5.20 0.92
CA ALA B 95 7.68 5.62 0.37
C ALA B 95 6.48 5.23 1.25
N ASP B 96 6.54 4.05 1.86
CA ASP B 96 5.46 3.56 2.70
C ASP B 96 5.36 4.43 3.96
N GLY B 97 6.51 4.83 4.48
CA GLY B 97 6.51 5.65 5.67
C GLY B 97 5.90 7.03 5.47
N THR B 98 6.39 7.73 4.45
CA THR B 98 5.92 9.06 4.12
C THR B 98 4.45 8.95 3.79
N GLN B 99 4.13 8.00 2.91
CA GLN B 99 2.75 7.77 2.50
C GLN B 99 1.84 7.71 3.72
N ASP B 100 2.24 6.92 4.71
CA ASP B 100 1.46 6.81 5.95
C ASP B 100 1.23 8.18 6.56
N LEU B 101 2.29 8.98 6.54
CA LEU B 101 2.27 10.32 7.09
C LEU B 101 1.33 11.25 6.34
N MET B 102 1.51 11.32 5.03
CA MET B 102 0.68 12.17 4.19
C MET B 102 -0.78 11.75 4.31
N MET B 103 -0.99 10.43 4.42
CA MET B 103 -2.30 9.82 4.52
C MET B 103 -3.10 10.28 5.72
N MET B 104 -2.42 10.33 6.86
CA MET B 104 -3.04 10.77 8.10
C MET B 104 -3.59 12.17 7.92
N ILE B 105 -2.88 12.96 7.11
CA ILE B 105 -3.23 14.35 6.82
C ILE B 105 -4.48 14.50 5.94
N ALA B 106 -4.47 13.84 4.78
CA ALA B 106 -5.58 13.92 3.84
C ALA B 106 -6.92 13.45 4.41
N VAL B 107 -6.88 12.69 5.49
CA VAL B 107 -8.08 12.14 6.09
C VAL B 107 -8.72 12.94 7.24
N ALA B 108 -7.89 13.60 8.05
CA ALA B 108 -8.36 14.38 9.20
C ALA B 108 -9.52 15.35 8.95
N PRO B 109 -9.60 15.94 7.73
CA PRO B 109 -10.70 16.87 7.44
C PRO B 109 -12.12 16.30 7.58
N PHE B 110 -12.28 15.02 7.23
CA PHE B 110 -13.59 14.36 7.32
C PHE B 110 -14.00 14.11 8.75
N LYS B 111 -13.02 13.98 9.62
CA LYS B 111 -13.26 13.72 11.03
C LYS B 111 -14.04 14.86 11.68
N THR B 112 -14.56 14.60 12.87
CA THR B 112 -15.31 15.60 13.61
C THR B 112 -14.30 16.62 14.14
N PRO B 113 -14.73 17.87 14.40
CA PRO B 113 -13.84 18.93 14.92
C PRO B 113 -12.86 18.50 16.00
N LYS B 114 -13.34 17.77 17.01
CA LYS B 114 -12.49 17.28 18.11
C LYS B 114 -11.53 16.22 17.58
N GLU B 115 -12.01 15.42 16.63
CA GLU B 115 -11.23 14.36 16.00
C GLU B 115 -10.06 14.92 15.19
N LYS B 116 -10.37 15.74 14.18
CA LYS B 116 -9.34 16.35 13.32
C LYS B 116 -8.36 17.22 14.11
N GLU B 117 -8.83 17.80 15.21
CA GLU B 117 -7.98 18.62 16.07
C GLU B 117 -6.92 17.69 16.68
N GLU B 118 -7.38 16.65 17.35
CA GLU B 118 -6.47 15.68 17.99
C GLU B 118 -5.54 14.92 17.04
N SER B 119 -6.02 14.63 15.83
CA SER B 119 -5.20 13.93 14.85
C SER B 119 -4.09 14.81 14.31
N TYR B 120 -4.38 16.12 14.12
CA TYR B 120 -3.37 17.07 13.61
C TYR B 120 -2.18 17.18 14.57
N ASP B 121 -2.47 17.44 15.84
CA ASP B 121 -1.42 17.54 16.85
C ASP B 121 -0.56 16.31 16.73
N LEU B 122 -1.21 15.15 16.65
CA LEU B 122 -0.54 13.85 16.55
C LEU B 122 0.34 13.73 15.32
N ILE B 123 -0.14 14.24 14.18
CA ILE B 123 0.61 14.19 12.93
C ILE B 123 1.96 14.85 13.09
N LEU B 124 1.96 15.97 13.83
CA LEU B 124 3.19 16.71 14.11
C LEU B 124 4.15 15.86 14.93
N SER B 125 3.64 15.27 16.00
CA SER B 125 4.45 14.42 16.87
C SER B 125 5.00 13.19 16.18
N ARG B 126 4.21 12.61 15.27
CA ARG B 126 4.67 11.42 14.57
C ARG B 126 5.67 11.79 13.48
N ALA B 127 5.62 13.03 13.02
CA ALA B 127 6.54 13.51 11.99
C ALA B 127 7.86 13.95 12.64
N LYS B 128 7.73 14.69 13.74
CA LYS B 128 8.87 15.19 14.47
C LYS B 128 9.60 14.12 15.25
N THR B 129 8.86 13.22 15.86
CA THR B 129 9.46 12.17 16.68
C THR B 129 9.36 10.76 16.10
N ARG B 130 9.47 10.64 14.78
CA ARG B 130 9.42 9.32 14.16
C ARG B 130 9.79 9.31 12.68
N TYR B 131 9.13 10.14 11.88
CA TYR B 131 9.40 10.15 10.45
C TYR B 131 10.51 11.10 10.00
N PHE B 132 10.65 12.24 10.66
CA PHE B 132 11.71 13.15 10.26
C PHE B 132 13.08 12.75 10.76
N PRO B 133 13.23 12.53 12.08
CA PRO B 133 14.53 12.13 12.62
C PRO B 133 15.18 10.97 11.87
N VAL B 134 14.36 10.06 11.34
CA VAL B 134 14.89 8.92 10.59
C VAL B 134 15.54 9.36 9.28
N PHE B 135 14.84 10.22 8.55
CA PHE B 135 15.37 10.70 7.28
C PHE B 135 16.59 11.60 7.44
N GLU B 136 16.59 12.38 8.53
CA GLU B 136 17.69 13.27 8.86
C GLU B 136 18.96 12.42 9.00
N LYS B 137 18.81 11.29 9.70
CA LYS B 137 19.93 10.37 9.94
C LYS B 137 20.39 9.67 8.68
N ILE B 138 19.46 9.28 7.81
CA ILE B 138 19.84 8.61 6.57
C ILE B 138 20.79 9.55 5.84
N LEU B 139 20.48 10.84 5.87
CA LEU B 139 21.30 11.86 5.22
C LEU B 139 22.62 12.07 5.93
N LYS B 140 22.57 12.22 7.24
CA LYS B 140 23.78 12.45 8.02
C LYS B 140 24.80 11.30 7.92
N ASP B 141 24.33 10.06 8.11
CA ASP B 141 25.18 8.86 8.06
C ASP B 141 25.86 8.59 6.74
N HIS B 142 25.17 8.86 5.64
CA HIS B 142 25.78 8.61 4.34
C HIS B 142 26.17 9.91 3.64
N GLY B 143 25.76 11.03 4.23
CA GLY B 143 26.06 12.34 3.68
C GLY B 143 25.97 12.39 2.17
N GLU B 144 24.76 12.58 1.64
CA GLU B 144 24.60 12.65 0.20
C GLU B 144 23.43 13.56 -0.20
N ALA B 145 23.38 13.85 -1.50
CA ALA B 145 22.36 14.69 -2.08
C ALA B 145 21.04 13.95 -2.05
N PHE B 146 21.00 12.82 -2.74
CA PHE B 146 19.80 12.03 -2.83
C PHE B 146 19.53 11.13 -1.63
N LEU B 147 18.71 10.10 -1.82
CA LEU B 147 18.36 9.20 -0.74
C LEU B 147 18.84 7.76 -0.87
N VAL B 148 19.03 7.27 -2.08
CA VAL B 148 19.48 5.90 -2.24
C VAL B 148 20.71 5.65 -3.12
N GLY B 149 20.54 5.57 -4.43
CA GLY B 149 21.68 5.30 -5.30
C GLY B 149 22.44 6.54 -5.73
N ASN B 150 22.34 7.59 -4.92
CA ASN B 150 22.96 8.86 -5.21
C ASN B 150 22.47 9.31 -6.60
N GLN B 151 21.16 9.18 -6.77
CA GLN B 151 20.49 9.53 -8.02
C GLN B 151 19.06 9.86 -7.61
N LEU B 152 18.34 10.63 -8.44
CA LEU B 152 16.96 10.98 -8.10
C LEU B 152 16.06 9.75 -8.10
N SER B 153 15.30 9.61 -7.02
CA SER B 153 14.41 8.47 -6.84
C SER B 153 13.03 8.95 -6.42
N TRP B 154 12.04 8.08 -6.56
CA TRP B 154 10.68 8.42 -6.17
C TRP B 154 10.58 8.60 -4.67
N ALA B 155 11.61 8.17 -3.95
CA ALA B 155 11.59 8.32 -2.50
C ALA B 155 11.96 9.75 -2.19
N ASP B 156 12.82 10.32 -3.05
CA ASP B 156 13.27 11.69 -2.91
C ASP B 156 12.07 12.62 -3.05
N ILE B 157 11.34 12.42 -4.13
CA ILE B 157 10.14 13.20 -4.39
C ILE B 157 9.20 13.05 -3.19
N GLN B 158 8.65 11.85 -3.05
CA GLN B 158 7.76 11.49 -1.97
C GLN B 158 8.12 12.16 -0.64
N LEU B 159 9.41 12.22 -0.31
CA LEU B 159 9.81 12.85 0.94
C LEU B 159 9.56 14.35 0.91
N LEU B 160 9.99 15.01 -0.17
CA LEU B 160 9.81 16.47 -0.32
C LEU B 160 8.36 16.84 -0.11
N GLU B 161 7.47 16.27 -0.93
CA GLU B 161 6.04 16.52 -0.82
C GLU B 161 5.62 16.37 0.63
N ALA B 162 6.06 15.30 1.27
CA ALA B 162 5.73 15.05 2.67
C ALA B 162 6.18 16.21 3.57
N ILE B 163 7.37 16.73 3.31
CA ILE B 163 7.91 17.83 4.10
C ILE B 163 7.09 19.09 3.87
N LEU B 164 6.77 19.35 2.61
CA LEU B 164 5.96 20.52 2.29
C LEU B 164 4.65 20.43 3.03
N MET B 165 3.94 19.33 2.83
CA MET B 165 2.64 19.09 3.45
C MET B 165 2.65 19.22 4.97
N VAL B 166 3.77 18.91 5.60
CA VAL B 166 3.86 19.02 7.05
C VAL B 166 4.03 20.46 7.50
N GLU B 167 4.79 21.24 6.73
CA GLU B 167 5.00 22.64 7.08
C GLU B 167 3.71 23.45 6.98
N GLU B 168 2.81 23.02 6.09
CA GLU B 168 1.53 23.69 5.91
C GLU B 168 0.72 23.71 7.20
N LEU B 169 1.14 22.92 8.18
CA LEU B 169 0.49 22.85 9.48
C LEU B 169 1.36 23.60 10.48
N SER B 170 2.65 23.26 10.48
CA SER B 170 3.62 23.90 11.36
C SER B 170 4.83 24.22 10.47
N ALA B 171 5.04 25.51 10.23
CA ALA B 171 6.13 25.99 9.40
C ALA B 171 7.53 25.82 10.02
N PRO B 172 7.66 26.10 11.33
CA PRO B 172 8.94 25.96 12.03
C PRO B 172 9.31 24.51 12.39
N VAL B 173 8.62 23.56 11.78
CA VAL B 173 8.85 22.13 12.02
C VAL B 173 10.29 21.68 11.78
N LEU B 174 10.87 22.05 10.63
CA LEU B 174 12.24 21.68 10.28
C LEU B 174 13.28 22.38 11.14
N SER B 175 12.83 23.06 12.19
CA SER B 175 13.70 23.77 13.10
C SER B 175 14.91 22.97 13.61
N ASP B 176 14.75 21.66 13.80
CA ASP B 176 15.84 20.83 14.30
C ASP B 176 16.38 19.82 13.31
N PHE B 177 16.03 19.96 12.03
CA PHE B 177 16.49 18.98 11.05
C PHE B 177 17.28 19.53 9.86
N PRO B 178 18.50 20.01 10.13
CA PRO B 178 19.46 20.60 9.18
C PRO B 178 19.57 19.90 7.83
N LEU B 179 19.99 18.65 7.86
CA LEU B 179 20.18 17.86 6.64
C LEU B 179 18.98 17.85 5.72
N LEU B 180 17.81 18.01 6.32
CA LEU B 180 16.55 18.03 5.59
C LEU B 180 16.32 19.33 4.86
N GLN B 181 16.44 20.46 5.56
CA GLN B 181 16.27 21.79 4.96
C GLN B 181 17.08 21.89 3.68
N ALA B 182 18.34 21.47 3.77
CA ALA B 182 19.25 21.45 2.64
C ALA B 182 18.62 20.59 1.57
N PHE B 183 18.09 19.44 1.99
CA PHE B 183 17.46 18.50 1.08
C PHE B 183 16.29 19.15 0.36
N LYS B 184 15.49 19.89 1.14
CA LYS B 184 14.30 20.59 0.65
C LYS B 184 14.67 21.56 -0.46
N THR B 185 15.55 22.52 -0.16
CA THR B 185 15.97 23.50 -1.14
C THR B 185 16.73 22.86 -2.30
N ARG B 186 17.57 21.89 -1.99
CA ARG B 186 18.34 21.18 -3.01
C ARG B 186 17.41 20.59 -4.06
N ILE B 187 16.38 19.87 -3.59
CA ILE B 187 15.41 19.22 -4.46
C ILE B 187 14.42 20.18 -5.09
N SER B 188 14.03 21.20 -4.33
CA SER B 188 13.08 22.21 -4.82
C SER B 188 13.58 22.87 -6.11
N ASN B 189 14.85 23.28 -6.09
CA ASN B 189 15.44 23.93 -7.24
C ASN B 189 15.76 23.02 -8.41
N ILE B 190 15.27 21.78 -8.38
CA ILE B 190 15.48 20.85 -9.50
C ILE B 190 14.51 21.35 -10.57
N PRO B 191 14.99 21.47 -11.82
CA PRO B 191 14.20 21.94 -12.96
C PRO B 191 12.71 21.56 -12.95
N THR B 192 12.42 20.29 -13.23
CA THR B 192 11.05 19.80 -13.27
C THR B 192 10.30 20.05 -11.96
N ILE B 193 10.98 19.89 -10.84
CA ILE B 193 10.36 20.10 -9.52
C ILE B 193 9.96 21.54 -9.29
N LYS B 194 10.79 22.47 -9.77
CA LYS B 194 10.55 23.90 -9.60
C LYS B 194 9.34 24.34 -10.41
N LYS B 195 9.28 23.91 -11.66
CA LYS B 195 8.17 24.24 -12.54
C LYS B 195 6.84 23.91 -11.87
N PHE B 196 6.73 22.69 -11.37
CA PHE B 196 5.54 22.20 -10.67
C PHE B 196 5.28 23.02 -9.41
N LEU B 197 6.33 23.60 -8.85
CA LEU B 197 6.21 24.38 -7.63
C LEU B 197 5.86 25.85 -7.81
N GLN B 198 5.96 26.33 -9.05
CA GLN B 198 5.62 27.73 -9.37
C GLN B 198 4.10 27.89 -9.41
N PRO B 199 3.57 29.07 -9.00
CA PRO B 199 2.15 29.40 -8.98
C PRO B 199 1.34 28.90 -10.19
N GLY B 200 2.05 28.62 -11.29
CA GLY B 200 1.40 28.09 -12.48
C GLY B 200 1.74 26.61 -12.52
N SER B 201 0.76 25.77 -12.16
CA SER B 201 0.96 24.31 -12.17
C SER B 201 -0.37 23.58 -11.98
N GLN B 202 -0.34 22.26 -12.11
CA GLN B 202 -1.54 21.47 -11.94
C GLN B 202 -1.69 21.06 -10.48
N ARG B 203 -0.68 21.39 -9.68
CA ARG B 203 -0.69 21.09 -8.25
C ARG B 203 -1.93 21.64 -7.56
N LYS B 204 -2.46 20.89 -6.61
CA LYS B 204 -3.65 21.30 -5.87
C LYS B 204 -3.37 21.79 -4.46
N PRO B 205 -4.24 22.69 -3.95
CA PRO B 205 -4.12 23.26 -2.61
C PRO B 205 -4.56 22.24 -1.56
N PRO B 206 -4.33 22.53 -0.26
CA PRO B 206 -4.71 21.62 0.83
C PRO B 206 -6.22 21.37 0.92
N PRO B 207 -6.64 20.47 1.83
CA PRO B 207 -8.06 20.16 2.02
C PRO B 207 -8.84 21.31 2.67
N ASP B 208 -9.83 21.82 1.92
CA ASP B 208 -10.71 22.92 2.33
C ASP B 208 -12.13 22.41 2.51
N GLY B 209 -12.90 23.10 3.36
CA GLY B 209 -14.29 22.70 3.62
C GLY B 209 -15.10 22.28 2.40
N PRO B 210 -15.27 23.16 1.38
CA PRO B 210 -16.02 22.89 0.14
C PRO B 210 -15.64 21.58 -0.53
N TYR B 211 -14.36 21.25 -0.49
CA TYR B 211 -13.86 20.01 -1.07
C TYR B 211 -14.34 18.78 -0.30
N VAL B 212 -14.29 18.85 1.03
CA VAL B 212 -14.73 17.74 1.88
C VAL B 212 -16.13 17.27 1.46
N GLU B 213 -17.08 18.20 1.47
CA GLU B 213 -18.45 17.89 1.09
C GLU B 213 -18.61 17.48 -0.36
N VAL B 214 -17.87 18.12 -1.27
CA VAL B 214 -17.99 17.77 -2.68
C VAL B 214 -17.51 16.34 -2.89
N VAL B 215 -16.83 15.80 -1.89
CA VAL B 215 -16.35 14.42 -1.90
C VAL B 215 -17.50 13.54 -1.43
N ARG B 216 -17.96 13.81 -0.20
CA ARG B 216 -19.04 13.08 0.46
C ARG B 216 -20.32 13.01 -0.36
N ILE B 217 -20.34 13.74 -1.47
CA ILE B 217 -21.48 13.75 -2.37
C ILE B 217 -21.24 12.83 -3.56
N VAL B 218 -20.07 12.91 -4.18
CA VAL B 218 -19.78 12.07 -5.34
C VAL B 218 -19.81 10.57 -5.01
N LEU B 219 -19.35 10.22 -3.81
CA LEU B 219 -19.28 8.83 -3.35
C LEU B 219 -20.33 8.42 -2.30
N LYS B 220 -21.03 9.41 -1.73
CA LYS B 220 -22.07 9.14 -0.75
C LYS B 220 -21.49 8.59 0.54
N PHE B 221 -20.72 9.41 1.25
CA PHE B 221 -20.08 9.05 2.51
C PHE B 221 -21.17 8.99 3.57
#